data_2P8R
#
_entry.id   2P8R
#
_cell.length_a   65.225
_cell.length_b   65.225
_cell.length_c   136.437
_cell.angle_alpha   90.000
_cell.angle_beta   90.000
_cell.angle_gamma   90.000
#
_symmetry.space_group_name_H-M   'P 41 21 2'
#
loop_
_entity.id
_entity.type
_entity.pdbx_description
1 polymer 'Pre-mRNA-splicing factor Prp8'
2 water water
#
_entity_poly.entity_id   1
_entity_poly.type   'polypeptide(L)'
_entity_poly.pdbx_seq_one_letter_code
;TASFASRTEWRVRAISSTNLHLRTQHIYVNSDDVKDTGYTYILPKNILKKFITISDLRTQIAGFMYGVSPPDNPQVKEIR
CIVLVPQTGSHQQVNLPTQLPDHELLRDFEPLGWMHTQPNELPQLSPQDVTTHAKLLTDNISWDGEKTVMITCSFTPGSV
SLTAYKLTPSGYEWGKANTDKGNNPKGYMPTHYEKVQMLLSDRFLGYFMVPSNGVWNYNFQGQRWSPAMKFDVCLSNPKE
YYHEDHKPVHFHNFKAFDDPLGTGSADREDAFA
;
_entity_poly.pdbx_strand_id   A
#
# COMPACT_ATOMS: atom_id res chain seq x y z
N SER A 6 -16.48 22.68 -3.72
CA SER A 6 -17.51 22.61 -4.80
C SER A 6 -18.19 21.24 -4.83
N ARG A 7 -19.51 21.24 -4.64
CA ARG A 7 -20.25 19.99 -4.67
C ARG A 7 -20.29 19.44 -6.10
N THR A 8 -20.36 20.33 -7.09
CA THR A 8 -20.40 19.92 -8.48
C THR A 8 -19.07 19.32 -8.90
N GLU A 9 -17.98 19.95 -8.46
CA GLU A 9 -16.66 19.43 -8.80
C GLU A 9 -16.54 18.02 -8.23
N TRP A 10 -16.99 17.83 -6.99
CA TRP A 10 -16.91 16.52 -6.36
C TRP A 10 -17.61 15.47 -7.21
N ARG A 11 -18.79 15.79 -7.71
CA ARG A 11 -19.56 14.86 -8.54
C ARG A 11 -18.88 14.56 -9.88
N VAL A 12 -18.19 15.57 -10.42
CA VAL A 12 -17.46 15.42 -11.67
C VAL A 12 -16.24 14.50 -11.47
N ARG A 13 -15.46 14.76 -10.42
CA ARG A 13 -14.29 13.94 -10.14
C ARG A 13 -14.72 12.50 -9.87
N ALA A 14 -15.81 12.35 -9.12
CA ALA A 14 -16.31 11.01 -8.81
C ALA A 14 -16.60 10.30 -10.12
N ILE A 15 -17.14 11.03 -11.10
CA ILE A 15 -17.46 10.42 -12.40
C ILE A 15 -16.21 10.01 -13.18
N SER A 16 -15.28 10.94 -13.35
CA SER A 16 -14.07 10.61 -14.10
C SER A 16 -13.28 9.46 -13.45
N SER A 17 -13.30 9.41 -12.11
CA SER A 17 -12.60 8.35 -11.40
C SER A 17 -13.14 6.95 -11.71
N THR A 18 -14.38 6.85 -12.19
CA THR A 18 -14.91 5.53 -12.53
C THR A 18 -14.22 4.96 -13.76
N ASN A 19 -13.29 5.71 -14.34
CA ASN A 19 -12.57 5.20 -15.50
C ASN A 19 -11.23 4.58 -15.09
N LEU A 20 -10.96 4.54 -13.78
CA LEU A 20 -9.71 3.98 -13.28
C LEU A 20 -9.52 2.52 -13.67
N HIS A 21 -10.61 1.78 -13.77
CA HIS A 21 -10.53 0.36 -14.11
C HIS A 21 -9.84 0.13 -15.47
N LEU A 22 -9.85 1.13 -16.33
CA LEU A 22 -9.22 0.99 -17.65
C LEU A 22 -7.72 0.73 -17.53
N ARG A 23 -7.10 1.39 -16.56
CA ARG A 23 -5.67 1.21 -16.31
C ARG A 23 -5.31 -0.23 -15.89
N THR A 24 -6.26 -0.96 -15.32
CA THR A 24 -5.96 -2.33 -14.89
C THR A 24 -6.02 -3.33 -16.04
N GLN A 25 -6.18 -2.81 -17.25
CA GLN A 25 -6.20 -3.66 -18.43
C GLN A 25 -4.77 -3.76 -18.93
N HIS A 26 -3.96 -2.78 -18.53
CA HIS A 26 -2.56 -2.74 -18.92
C HIS A 26 -1.68 -2.68 -17.69
N ILE A 27 -1.43 -3.84 -17.10
CA ILE A 27 -0.63 -3.93 -15.90
C ILE A 27 0.79 -4.39 -16.24
N TYR A 28 1.79 -3.75 -15.62
CA TYR A 28 3.18 -4.11 -15.83
C TYR A 28 3.80 -4.43 -14.48
N VAL A 29 4.70 -5.40 -14.47
CA VAL A 29 5.38 -5.80 -13.25
C VAL A 29 6.89 -5.81 -13.53
N ASN A 30 7.62 -5.01 -12.75
CA ASN A 30 9.07 -4.92 -12.91
C ASN A 30 9.77 -5.99 -12.07
N SER A 31 10.18 -7.07 -12.72
CA SER A 31 10.88 -8.18 -12.08
C SER A 31 12.32 -8.17 -12.59
N ASP A 32 12.71 -7.04 -13.16
CA ASP A 32 14.05 -6.89 -13.71
C ASP A 32 15.21 -7.13 -12.75
N ASP A 33 16.01 -8.13 -13.07
CA ASP A 33 17.19 -8.52 -12.30
C ASP A 33 17.00 -8.58 -10.78
N VAL A 34 16.07 -9.43 -10.35
CA VAL A 34 15.84 -9.58 -8.92
C VAL A 34 16.74 -10.73 -8.45
N LYS A 35 17.20 -10.68 -7.21
CA LYS A 35 18.05 -11.75 -6.67
C LYS A 35 17.25 -13.05 -6.71
N ASP A 36 17.92 -14.18 -6.94
CA ASP A 36 17.22 -15.44 -6.95
C ASP A 36 17.21 -16.04 -5.55
N THR A 37 17.46 -15.19 -4.56
CA THR A 37 17.44 -15.60 -3.17
C THR A 37 16.28 -14.86 -2.53
N GLY A 38 15.44 -15.58 -1.79
CA GLY A 38 14.33 -14.89 -1.16
C GLY A 38 12.95 -15.39 -1.55
N TYR A 39 11.94 -14.62 -1.16
CA TYR A 39 10.57 -15.00 -1.42
C TYR A 39 10.01 -14.39 -2.70
N THR A 40 9.01 -15.07 -3.26
CA THR A 40 8.32 -14.59 -4.43
C THR A 40 6.94 -14.23 -3.89
N TYR A 41 6.45 -13.04 -4.20
CA TYR A 41 5.14 -12.62 -3.71
C TYR A 41 4.06 -12.73 -4.77
N ILE A 42 2.96 -13.38 -4.43
CA ILE A 42 1.87 -13.52 -5.39
C ILE A 42 0.68 -12.70 -4.95
N LEU A 43 0.39 -11.66 -5.73
CA LEU A 43 -0.71 -10.73 -5.48
C LEU A 43 -1.89 -11.15 -6.34
N PRO A 44 -3.10 -11.28 -5.75
CA PRO A 44 -4.27 -11.69 -6.54
C PRO A 44 -4.71 -10.52 -7.41
N LYS A 45 -5.04 -10.81 -8.67
CA LYS A 45 -5.49 -9.77 -9.59
C LYS A 45 -6.75 -9.09 -9.10
N ASN A 46 -7.66 -9.85 -8.49
CA ASN A 46 -8.92 -9.27 -8.04
C ASN A 46 -8.72 -8.15 -7.02
N ILE A 47 -7.77 -8.29 -6.10
CA ILE A 47 -7.63 -7.20 -5.14
C ILE A 47 -6.76 -6.07 -5.69
N LEU A 48 -5.84 -6.38 -6.60
CA LEU A 48 -5.08 -5.31 -7.17
C LEU A 48 -5.98 -4.39 -7.99
N LYS A 49 -6.88 -5.00 -8.76
CA LYS A 49 -7.82 -4.22 -9.57
C LYS A 49 -8.76 -3.39 -8.69
N LYS A 50 -9.26 -3.99 -7.62
CA LYS A 50 -10.17 -3.25 -6.74
C LYS A 50 -9.39 -2.11 -6.08
N PHE A 51 -8.15 -2.39 -5.70
CA PHE A 51 -7.31 -1.37 -5.06
C PHE A 51 -7.15 -0.17 -5.99
N ILE A 52 -6.98 -0.43 -7.28
CA ILE A 52 -6.81 0.66 -8.24
C ILE A 52 -8.10 1.44 -8.44
N THR A 53 -9.24 0.74 -8.50
CA THR A 53 -10.51 1.42 -8.72
C THR A 53 -10.95 2.34 -7.58
N ILE A 54 -10.48 2.09 -6.36
CA ILE A 54 -10.87 2.92 -5.24
C ILE A 54 -9.80 3.97 -4.95
N SER A 55 -8.72 3.98 -5.74
CA SER A 55 -7.63 4.93 -5.52
C SER A 55 -7.81 6.27 -6.19
N ASP A 56 -6.70 7.01 -6.27
CA ASP A 56 -6.70 8.33 -6.87
C ASP A 56 -5.38 8.54 -7.61
N LEU A 57 -5.45 9.22 -8.75
CA LEU A 57 -4.25 9.46 -9.56
C LEU A 57 -3.23 10.39 -8.92
N ARG A 58 -3.69 11.33 -8.11
CA ARG A 58 -2.77 12.29 -7.50
C ARG A 58 -2.44 12.07 -6.02
N THR A 59 -3.41 11.63 -5.23
CA THR A 59 -3.15 11.41 -3.81
C THR A 59 -3.02 9.93 -3.50
N GLN A 60 -1.87 9.56 -2.95
CA GLN A 60 -1.56 8.19 -2.59
C GLN A 60 -2.47 7.62 -1.51
N ILE A 61 -2.73 6.31 -1.61
CA ILE A 61 -3.52 5.58 -0.63
C ILE A 61 -2.71 4.29 -0.40
N ALA A 62 -3.00 3.60 0.70
CA ALA A 62 -2.28 2.38 0.99
C ALA A 62 -3.11 1.38 1.79
N GLY A 63 -2.58 0.15 1.86
CA GLY A 63 -3.23 -0.90 2.59
C GLY A 63 -2.18 -1.89 3.06
N PHE A 64 -2.41 -2.48 4.23
CA PHE A 64 -1.50 -3.47 4.78
C PHE A 64 -1.79 -4.83 4.16
N MET A 65 -0.75 -5.61 3.88
CA MET A 65 -0.93 -6.91 3.26
C MET A 65 -0.72 -8.06 4.24
N TYR A 66 -1.57 -9.07 4.11
CA TYR A 66 -1.50 -10.27 4.93
C TYR A 66 -1.62 -11.46 3.98
N GLY A 67 -0.96 -12.56 4.33
CA GLY A 67 -1.02 -13.73 3.47
C GLY A 67 -0.56 -15.00 4.16
N VAL A 68 -0.36 -16.03 3.34
CA VAL A 68 0.04 -17.35 3.83
C VAL A 68 1.19 -17.95 3.03
N SER A 69 1.70 -19.09 3.52
CA SER A 69 2.80 -19.80 2.87
C SER A 69 2.28 -21.09 2.23
N PRO A 70 2.34 -21.19 0.90
CA PRO A 70 1.85 -22.39 0.20
C PRO A 70 2.56 -23.63 0.73
N PRO A 71 1.81 -24.70 1.05
CA PRO A 71 2.38 -25.94 1.56
C PRO A 71 3.53 -26.56 0.79
N ASP A 72 3.63 -26.34 -0.51
CA ASP A 72 4.70 -26.98 -1.29
C ASP A 72 5.80 -26.07 -1.85
N ASN A 73 5.84 -24.81 -1.46
CA ASN A 73 6.94 -23.94 -1.87
C ASN A 73 7.20 -22.94 -0.76
N PRO A 74 8.20 -23.23 0.08
CA PRO A 74 8.62 -22.40 1.21
C PRO A 74 9.09 -21.01 0.81
N GLN A 75 9.40 -20.84 -0.47
CA GLN A 75 9.89 -19.55 -0.95
C GLN A 75 8.80 -18.68 -1.56
N VAL A 76 7.55 -19.10 -1.42
CA VAL A 76 6.44 -18.33 -1.96
C VAL A 76 5.51 -17.81 -0.86
N LYS A 77 5.10 -16.55 -1.00
CA LYS A 77 4.17 -15.92 -0.07
C LYS A 77 2.99 -15.41 -0.89
N GLU A 78 1.79 -15.90 -0.61
CA GLU A 78 0.65 -15.39 -1.35
C GLU A 78 -0.17 -14.42 -0.48
N ILE A 79 -0.33 -13.21 -1.04
CA ILE A 79 -1.07 -12.12 -0.42
C ILE A 79 -2.56 -12.42 -0.61
N ARG A 80 -3.29 -12.54 0.51
CA ARG A 80 -4.72 -12.88 0.48
C ARG A 80 -5.63 -11.85 1.15
N CYS A 81 -5.05 -10.90 1.85
CA CYS A 81 -5.88 -9.88 2.50
C CYS A 81 -5.19 -8.54 2.56
N ILE A 82 -5.95 -7.51 2.23
CA ILE A 82 -5.47 -6.14 2.26
C ILE A 82 -6.35 -5.37 3.25
N VAL A 83 -5.72 -4.64 4.16
CA VAL A 83 -6.48 -3.87 5.14
C VAL A 83 -6.27 -2.39 4.94
N LEU A 84 -7.35 -1.68 4.68
CA LEU A 84 -7.32 -0.23 4.49
C LEU A 84 -7.57 0.43 5.83
N VAL A 85 -6.62 1.22 6.32
CA VAL A 85 -6.78 1.88 7.61
C VAL A 85 -7.12 3.35 7.41
N PRO A 86 -7.64 4.02 8.46
CA PRO A 86 -7.99 5.44 8.34
C PRO A 86 -6.72 6.14 7.87
N GLN A 87 -6.83 6.94 6.82
CA GLN A 87 -5.63 7.55 6.30
C GLN A 87 -5.85 8.84 5.55
N THR A 88 -4.74 9.48 5.28
CA THR A 88 -4.66 10.67 4.51
C THR A 88 -3.35 10.53 3.78
N GLY A 89 -3.15 11.26 2.70
CA GLY A 89 -1.91 11.14 1.97
C GLY A 89 -1.66 12.35 1.10
N SER A 90 -0.59 12.28 0.33
CA SER A 90 -0.22 13.35 -0.57
C SER A 90 0.29 12.67 -1.81
N HIS A 91 0.87 13.45 -2.71
CA HIS A 91 1.42 12.90 -3.94
C HIS A 91 2.69 12.12 -3.61
N GLN A 92 3.30 12.45 -2.47
CA GLN A 92 4.56 11.84 -2.05
C GLN A 92 4.53 10.75 -1.00
N GLN A 93 3.44 10.66 -0.24
CA GLN A 93 3.39 9.66 0.82
C GLN A 93 2.00 9.45 1.34
N VAL A 94 1.87 8.47 2.23
CA VAL A 94 0.60 8.16 2.86
C VAL A 94 0.82 8.28 4.37
N ASN A 95 -0.20 8.71 5.09
CA ASN A 95 -0.12 8.87 6.55
C ASN A 95 -0.99 7.82 7.21
N LEU A 96 -0.35 6.91 7.93
CA LEU A 96 -1.07 5.83 8.59
C LEU A 96 -0.97 5.92 10.12
N PRO A 97 -2.04 5.50 10.83
CA PRO A 97 -2.04 5.54 12.30
C PRO A 97 -0.90 4.66 12.81
N THR A 98 -0.34 4.99 13.96
CA THR A 98 0.74 4.18 14.49
C THR A 98 0.22 2.80 14.89
N GLN A 99 -1.06 2.72 15.25
CA GLN A 99 -1.66 1.45 15.66
C GLN A 99 -1.96 0.55 14.46
N LEU A 100 -1.36 -0.63 14.44
CA LEU A 100 -1.58 -1.59 13.37
C LEU A 100 -2.99 -2.18 13.50
N PRO A 101 -3.57 -2.67 12.40
CA PRO A 101 -4.91 -3.26 12.49
C PRO A 101 -4.83 -4.48 13.41
N ASP A 102 -5.94 -4.81 14.06
CA ASP A 102 -5.98 -5.98 14.93
C ASP A 102 -7.38 -6.57 14.83
N HIS A 103 -7.44 -7.87 14.56
CA HIS A 103 -8.69 -8.57 14.42
C HIS A 103 -8.40 -10.05 14.49
N GLU A 104 -9.36 -10.85 14.94
CA GLU A 104 -9.13 -12.28 15.07
C GLU A 104 -8.86 -12.91 13.71
N LEU A 105 -9.49 -12.39 12.67
CA LEU A 105 -9.30 -12.93 11.33
C LEU A 105 -7.89 -12.66 10.81
N LEU A 106 -7.26 -11.58 11.28
CA LEU A 106 -5.93 -11.21 10.81
C LEU A 106 -4.78 -11.88 11.56
N ARG A 107 -5.03 -12.22 12.82
CA ARG A 107 -4.00 -12.84 13.66
C ARG A 107 -3.45 -14.17 13.16
N ASP A 108 -4.19 -14.86 12.28
CA ASP A 108 -3.70 -16.13 11.78
C ASP A 108 -3.02 -16.01 10.42
N PHE A 109 -2.91 -14.78 9.92
CA PHE A 109 -2.23 -14.54 8.65
C PHE A 109 -0.83 -14.09 9.00
N GLU A 110 0.03 -14.00 7.99
CA GLU A 110 1.40 -13.52 8.18
C GLU A 110 1.42 -12.07 7.69
N PRO A 111 1.91 -11.15 8.51
CA PRO A 111 1.95 -9.76 8.05
C PRO A 111 3.00 -9.74 6.93
N LEU A 112 2.64 -9.26 5.74
CA LEU A 112 3.59 -9.25 4.62
C LEU A 112 4.03 -7.86 4.16
N GLY A 113 3.62 -6.84 4.92
CA GLY A 113 4.01 -5.49 4.59
C GLY A 113 2.86 -4.63 4.15
N TRP A 114 3.13 -3.78 3.15
CA TRP A 114 2.10 -2.88 2.65
C TRP A 114 2.26 -2.59 1.16
N MET A 115 1.22 -2.02 0.57
CA MET A 115 1.19 -1.66 -0.83
C MET A 115 0.57 -0.26 -0.95
N HIS A 116 0.97 0.50 -1.97
CA HIS A 116 0.42 1.85 -2.12
C HIS A 116 0.51 2.36 -3.54
N THR A 117 -0.43 3.24 -3.90
CA THR A 117 -0.43 3.84 -5.22
C THR A 117 0.60 4.96 -5.23
N GLN A 118 0.91 5.46 -6.42
CA GLN A 118 1.91 6.49 -6.57
C GLN A 118 1.67 7.17 -7.92
N PRO A 119 1.68 8.51 -7.95
CA PRO A 119 1.45 9.31 -9.16
C PRO A 119 2.25 8.91 -10.40
N ASN A 120 3.55 8.73 -10.23
CA ASN A 120 4.43 8.41 -11.36
C ASN A 120 5.38 7.30 -11.02
N GLU A 121 5.89 6.64 -12.06
CA GLU A 121 6.86 5.59 -11.87
C GLU A 121 8.15 6.32 -11.45
N LEU A 122 8.92 5.73 -10.54
CA LEU A 122 10.15 6.35 -10.08
C LEU A 122 11.35 5.43 -10.35
N PRO A 123 12.51 6.02 -10.69
CA PRO A 123 13.71 5.23 -10.97
C PRO A 123 14.22 4.50 -9.72
N GLN A 124 13.88 5.02 -8.55
CA GLN A 124 14.29 4.42 -7.29
C GLN A 124 13.13 4.45 -6.29
N LEU A 125 13.19 3.57 -5.29
CA LEU A 125 12.16 3.53 -4.25
C LEU A 125 12.31 4.88 -3.57
N SER A 126 11.20 5.51 -3.21
CA SER A 126 11.26 6.83 -2.58
C SER A 126 11.86 6.79 -1.18
N PRO A 127 12.57 7.86 -0.80
CA PRO A 127 13.17 7.93 0.53
C PRO A 127 12.07 7.84 1.59
N GLN A 128 10.89 8.35 1.23
CA GLN A 128 9.74 8.35 2.12
C GLN A 128 9.29 6.92 2.42
N ASP A 129 9.21 6.10 1.37
CA ASP A 129 8.81 4.71 1.52
C ASP A 129 9.76 4.01 2.47
N VAL A 130 11.06 4.18 2.25
CA VAL A 130 12.05 3.53 3.11
C VAL A 130 11.84 3.94 4.56
N THR A 131 11.62 5.23 4.80
CA THR A 131 11.41 5.74 6.15
C THR A 131 10.12 5.18 6.75
N THR A 132 9.04 5.18 5.97
CA THR A 132 7.77 4.65 6.45
C THR A 132 7.92 3.15 6.80
N HIS A 133 8.62 2.41 5.94
CA HIS A 133 8.81 0.99 6.16
C HIS A 133 9.68 0.69 7.38
N ALA A 134 10.75 1.48 7.55
CA ALA A 134 11.64 1.31 8.69
C ALA A 134 10.85 1.54 9.99
N LYS A 135 9.95 2.51 9.97
CA LYS A 135 9.14 2.81 11.14
C LYS A 135 8.24 1.64 11.46
N LEU A 136 7.54 1.13 10.43
CA LEU A 136 6.64 0.00 10.62
C LEU A 136 7.37 -1.20 11.19
N LEU A 137 8.62 -1.39 10.79
CA LEU A 137 9.41 -2.51 11.28
C LEU A 137 9.79 -2.35 12.76
N THR A 138 10.45 -1.24 13.08
CA THR A 138 10.90 -0.99 14.45
C THR A 138 9.79 -1.02 15.49
N ASP A 139 8.62 -0.50 15.14
CA ASP A 139 7.51 -0.46 16.08
C ASP A 139 6.76 -1.78 16.23
N ASN A 140 6.70 -2.55 15.16
CA ASN A 140 5.95 -3.80 15.19
C ASN A 140 6.74 -5.09 15.15
N ILE A 141 6.82 -5.71 16.32
CA ILE A 141 7.57 -6.95 16.49
C ILE A 141 7.08 -8.04 15.54
N SER A 142 5.80 -7.99 15.15
CA SER A 142 5.24 -9.00 14.25
C SER A 142 5.75 -8.85 12.81
N TRP A 143 6.36 -7.71 12.50
CA TRP A 143 6.88 -7.47 11.16
C TRP A 143 8.30 -7.99 11.00
N ASP A 144 8.43 -9.06 10.22
CA ASP A 144 9.72 -9.68 9.95
C ASP A 144 10.36 -8.99 8.74
N GLY A 145 11.50 -8.35 8.94
CA GLY A 145 12.17 -7.66 7.86
C GLY A 145 12.56 -8.58 6.71
N GLU A 146 12.60 -9.88 6.97
CA GLU A 146 12.96 -10.85 5.95
C GLU A 146 11.78 -11.24 5.07
N LYS A 147 10.57 -10.84 5.45
CA LYS A 147 9.41 -11.19 4.64
C LYS A 147 8.49 -10.01 4.29
N THR A 148 8.50 -8.96 5.11
CA THR A 148 7.64 -7.80 4.82
C THR A 148 8.20 -7.00 3.64
N VAL A 149 7.31 -6.56 2.75
CA VAL A 149 7.74 -5.79 1.59
C VAL A 149 6.81 -4.63 1.26
N MET A 150 7.22 -3.84 0.28
CA MET A 150 6.42 -2.71 -0.18
C MET A 150 6.12 -2.91 -1.66
N ILE A 151 4.86 -2.76 -2.03
CA ILE A 151 4.54 -2.86 -3.44
C ILE A 151 4.05 -1.50 -3.88
N THR A 152 4.74 -0.92 -4.86
CA THR A 152 4.35 0.37 -5.37
C THR A 152 3.51 0.17 -6.64
N CYS A 153 2.37 0.83 -6.71
CA CYS A 153 1.48 0.75 -7.87
C CYS A 153 1.56 2.12 -8.53
N SER A 154 2.50 2.27 -9.45
CA SER A 154 2.73 3.55 -10.14
C SER A 154 1.84 3.75 -11.36
N PHE A 155 1.14 4.88 -11.37
CA PHE A 155 0.30 5.20 -12.49
C PHE A 155 1.18 5.68 -13.65
N THR A 156 1.10 5.00 -14.78
CA THR A 156 1.86 5.38 -15.95
C THR A 156 0.82 5.66 -17.03
N PRO A 157 1.19 6.38 -18.10
CA PRO A 157 0.18 6.65 -19.13
C PRO A 157 -0.66 5.43 -19.52
N GLY A 158 -1.98 5.58 -19.37
CA GLY A 158 -2.92 4.52 -19.68
C GLY A 158 -2.71 3.18 -18.99
N SER A 159 -1.98 3.16 -17.87
CA SER A 159 -1.73 1.89 -17.20
C SER A 159 -1.26 2.02 -15.76
N VAL A 160 -0.83 0.89 -15.19
CA VAL A 160 -0.28 0.85 -13.84
C VAL A 160 0.94 -0.08 -13.86
N SER A 161 2.00 0.34 -13.16
CA SER A 161 3.24 -0.43 -13.10
C SER A 161 3.56 -0.81 -11.67
N LEU A 162 3.72 -2.10 -11.43
CA LEU A 162 4.00 -2.62 -10.10
C LEU A 162 5.43 -3.07 -9.87
N THR A 163 5.91 -2.83 -8.65
CA THR A 163 7.25 -3.25 -8.24
C THR A 163 7.22 -3.56 -6.75
N ALA A 164 7.98 -4.57 -6.35
CA ALA A 164 8.03 -4.95 -4.95
C ALA A 164 9.45 -4.81 -4.42
N TYR A 165 9.59 -4.20 -3.23
CA TYR A 165 10.90 -4.02 -2.63
C TYR A 165 10.94 -4.48 -1.20
N LYS A 166 12.16 -4.73 -0.75
CA LYS A 166 12.46 -5.16 0.61
C LYS A 166 13.56 -4.20 1.06
N LEU A 167 13.62 -3.91 2.35
CA LEU A 167 14.67 -3.02 2.87
C LEU A 167 15.91 -3.85 3.12
N THR A 168 17.07 -3.24 2.98
CA THR A 168 18.32 -3.95 3.26
C THR A 168 18.64 -3.64 4.72
N PRO A 169 19.51 -4.45 5.35
CA PRO A 169 19.83 -4.16 6.74
C PRO A 169 20.29 -2.71 6.93
N SER A 170 21.05 -2.19 5.96
CA SER A 170 21.54 -0.82 6.05
C SER A 170 20.41 0.17 5.79
N GLY A 171 19.48 -0.21 4.91
CA GLY A 171 18.36 0.66 4.60
C GLY A 171 17.48 0.83 5.83
N TYR A 172 17.37 -0.24 6.60
CA TYR A 172 16.57 -0.23 7.82
C TYR A 172 17.18 0.76 8.81
N GLU A 173 18.50 0.70 8.96
CA GLU A 173 19.21 1.61 9.86
C GLU A 173 19.01 3.07 9.46
N TRP A 174 19.21 3.36 8.18
CA TRP A 174 19.05 4.70 7.66
C TRP A 174 17.61 5.20 7.83
N GLY A 175 16.66 4.36 7.46
CA GLY A 175 15.26 4.73 7.56
C GLY A 175 14.82 5.05 8.98
N LYS A 176 15.31 4.26 9.94
CA LYS A 176 14.96 4.48 11.33
C LYS A 176 15.41 5.86 11.83
N ALA A 177 16.44 6.43 11.20
CA ALA A 177 16.97 7.72 11.61
C ALA A 177 16.63 8.93 10.74
N ASN A 178 16.15 8.68 9.53
CA ASN A 178 15.80 9.77 8.62
C ASN A 178 14.85 10.82 9.22
N THR A 179 15.19 12.10 9.04
CA THR A 179 14.39 13.19 9.58
C THR A 179 13.85 14.22 8.59
N ASP A 180 14.24 14.14 7.32
CA ASP A 180 13.74 15.10 6.36
C ASP A 180 12.87 14.45 5.28
N LYS A 181 11.59 14.80 5.30
CA LYS A 181 10.64 14.29 4.34
C LYS A 181 10.72 15.22 3.15
N GLY A 182 11.31 14.73 2.09
CA GLY A 182 11.51 15.45 0.87
C GLY A 182 11.94 14.39 -0.11
N ASN A 183 12.79 14.74 -1.08
CA ASN A 183 13.23 13.75 -2.04
C ASN A 183 14.73 13.52 -2.14
N ASN A 184 15.51 14.09 -1.22
CA ASN A 184 16.97 13.89 -1.28
C ASN A 184 17.68 13.87 0.06
N PRO A 185 17.09 13.22 1.08
CA PRO A 185 17.69 13.14 2.41
C PRO A 185 19.16 12.73 2.36
N LYS A 186 19.94 13.15 3.36
CA LYS A 186 21.35 12.82 3.41
C LYS A 186 21.55 11.32 3.60
N GLY A 187 22.61 10.79 3.02
CA GLY A 187 22.94 9.37 3.17
C GLY A 187 22.06 8.37 2.43
N TYR A 188 21.05 8.83 1.69
CA TYR A 188 20.18 7.92 0.98
C TYR A 188 20.85 7.25 -0.22
N MET A 189 20.91 5.92 -0.21
CA MET A 189 21.54 5.17 -1.31
C MET A 189 20.60 4.11 -1.88
N PRO A 190 20.85 3.68 -3.12
CA PRO A 190 20.00 2.66 -3.74
C PRO A 190 20.30 1.30 -3.08
N THR A 191 21.33 1.29 -2.25
CA THR A 191 21.76 0.09 -1.54
C THR A 191 21.01 -0.07 -0.21
N HIS A 192 20.01 0.78 0.01
CA HIS A 192 19.19 0.73 1.22
C HIS A 192 17.95 -0.15 1.02
N TYR A 193 17.73 -0.54 -0.23
CA TYR A 193 16.58 -1.39 -0.55
C TYR A 193 16.96 -2.36 -1.66
N GLU A 194 16.08 -3.33 -1.86
CA GLU A 194 16.33 -4.37 -2.85
C GLU A 194 15.02 -4.81 -3.49
N LYS A 195 15.03 -5.03 -4.80
CA LYS A 195 13.85 -5.47 -5.51
C LYS A 195 13.59 -6.95 -5.20
N VAL A 196 12.32 -7.35 -5.14
CA VAL A 196 11.97 -8.74 -4.88
C VAL A 196 11.01 -9.21 -5.96
N GLN A 197 10.93 -10.52 -6.14
CA GLN A 197 10.08 -11.10 -7.16
C GLN A 197 8.59 -11.10 -6.80
N MET A 198 7.77 -10.59 -7.71
CA MET A 198 6.33 -10.59 -7.46
C MET A 198 5.57 -11.04 -8.70
N LEU A 199 4.42 -11.66 -8.48
CA LEU A 199 3.56 -12.14 -9.57
C LEU A 199 2.16 -11.60 -9.36
N LEU A 200 1.51 -11.23 -10.47
CA LEU A 200 0.12 -10.79 -10.42
C LEU A 200 -0.67 -11.94 -10.99
N SER A 201 -1.41 -12.66 -10.14
CA SER A 201 -2.15 -13.82 -10.59
C SER A 201 -3.64 -13.81 -10.28
N ASP A 202 -4.41 -14.47 -11.15
CA ASP A 202 -5.83 -14.55 -10.93
C ASP A 202 -6.13 -16.02 -10.55
N ARG A 203 -5.11 -16.72 -10.05
CA ARG A 203 -5.28 -18.12 -9.66
C ARG A 203 -6.17 -18.25 -8.43
N PHE A 204 -6.13 -17.26 -7.56
CA PHE A 204 -6.96 -17.26 -6.35
C PHE A 204 -7.37 -15.83 -6.04
N LEU A 205 -8.29 -15.69 -5.09
CA LEU A 205 -8.80 -14.38 -4.69
C LEU A 205 -8.31 -13.91 -3.34
N GLY A 206 -8.30 -12.59 -3.18
CA GLY A 206 -7.89 -11.98 -1.92
C GLY A 206 -9.11 -11.24 -1.39
N TYR A 207 -9.05 -10.75 -0.15
CA TYR A 207 -10.19 -10.02 0.41
C TYR A 207 -9.78 -8.75 1.12
N PHE A 208 -10.75 -7.86 1.32
CA PHE A 208 -10.49 -6.59 1.98
C PHE A 208 -11.10 -6.48 3.37
N MET A 209 -10.46 -5.67 4.19
CA MET A 209 -10.93 -5.34 5.52
C MET A 209 -10.79 -3.83 5.62
N VAL A 210 -11.82 -3.15 6.08
CA VAL A 210 -11.77 -1.68 6.19
C VAL A 210 -12.18 -1.27 7.60
N PRO A 211 -12.03 0.02 7.95
CA PRO A 211 -12.41 0.45 9.31
C PRO A 211 -13.87 0.13 9.62
N SER A 212 -14.13 -0.31 10.85
CA SER A 212 -15.49 -0.67 11.24
C SER A 212 -16.54 0.43 11.09
N ASN A 213 -16.12 1.69 11.00
CA ASN A 213 -17.09 2.77 10.81
C ASN A 213 -17.34 3.06 9.32
N GLY A 214 -16.85 2.16 8.46
CA GLY A 214 -17.03 2.30 7.03
C GLY A 214 -16.33 3.45 6.33
N VAL A 215 -15.29 4.01 6.95
CA VAL A 215 -14.57 5.15 6.37
C VAL A 215 -13.05 5.00 6.44
N TRP A 216 -12.39 4.77 5.32
CA TRP A 216 -10.93 4.66 5.33
C TRP A 216 -10.27 5.94 4.81
N ASN A 217 -10.95 6.59 3.87
CA ASN A 217 -10.42 7.82 3.27
C ASN A 217 -10.75 9.08 4.06
N TYR A 218 -9.73 9.67 4.67
CA TYR A 218 -9.89 10.90 5.46
C TYR A 218 -9.24 12.09 4.80
N ASN A 219 -8.94 11.97 3.51
CA ASN A 219 -8.29 13.06 2.80
C ASN A 219 -9.13 14.33 2.70
N PHE A 220 -10.43 14.22 3.01
CA PHE A 220 -11.31 15.39 2.99
C PHE A 220 -11.88 15.58 4.39
N GLN A 221 -11.25 14.94 5.37
CA GLN A 221 -11.68 15.02 6.77
C GLN A 221 -10.43 14.95 7.66
N GLY A 222 -9.36 15.59 7.22
CA GLY A 222 -8.12 15.59 7.97
C GLY A 222 -8.22 15.92 9.45
N GLN A 223 -9.22 16.71 9.83
CA GLN A 223 -9.39 17.11 11.22
C GLN A 223 -9.82 15.94 12.10
N ARG A 224 -10.31 14.88 11.48
CA ARG A 224 -10.75 13.71 12.23
C ARG A 224 -9.69 12.61 12.24
N TRP A 225 -8.54 12.90 11.64
CA TRP A 225 -7.45 11.94 11.55
C TRP A 225 -6.24 12.36 12.36
N SER A 226 -5.58 11.39 12.98
CA SER A 226 -4.38 11.63 13.75
C SER A 226 -3.60 10.32 13.86
N PRO A 227 -2.27 10.41 13.95
CA PRO A 227 -1.41 9.23 14.05
C PRO A 227 -1.79 8.32 15.21
N ALA A 228 -2.32 8.91 16.28
CA ALA A 228 -2.68 8.16 17.49
C ALA A 228 -4.08 7.56 17.50
N MET A 229 -4.87 7.86 16.48
CA MET A 229 -6.23 7.34 16.42
C MET A 229 -6.28 5.81 16.53
N LYS A 230 -7.31 5.32 17.21
CA LYS A 230 -7.51 3.88 17.39
C LYS A 230 -8.70 3.51 16.54
N PHE A 231 -8.73 2.26 16.05
CA PHE A 231 -9.83 1.82 15.22
C PHE A 231 -9.92 0.30 15.14
N ASP A 232 -11.08 -0.18 14.72
CA ASP A 232 -11.30 -1.61 14.54
C ASP A 232 -11.55 -1.81 13.04
N VAL A 233 -11.51 -3.05 12.59
CA VAL A 233 -11.72 -3.33 11.16
C VAL A 233 -12.71 -4.48 10.98
N CYS A 234 -13.23 -4.61 9.77
CA CYS A 234 -14.19 -5.66 9.45
C CYS A 234 -14.17 -5.98 7.95
N LEU A 235 -14.54 -7.20 7.61
CA LEU A 235 -14.58 -7.63 6.23
C LEU A 235 -15.57 -6.75 5.46
N SER A 236 -15.22 -6.39 4.23
CA SER A 236 -16.08 -5.55 3.41
C SER A 236 -15.48 -5.19 2.05
N ASN A 237 -16.35 -4.80 1.10
CA ASN A 237 -15.90 -4.37 -0.22
C ASN A 237 -15.59 -2.87 -0.03
N PRO A 238 -14.34 -2.44 -0.33
CA PRO A 238 -13.89 -1.05 -0.18
C PRO A 238 -14.65 0.00 -0.99
N LYS A 239 -14.89 1.16 -0.37
CA LYS A 239 -15.58 2.25 -1.06
C LYS A 239 -14.59 3.06 -1.88
N GLU A 240 -15.02 3.60 -3.03
CA GLU A 240 -14.13 4.39 -3.90
C GLU A 240 -13.68 5.64 -3.20
N TYR A 241 -12.65 6.28 -3.76
CA TYR A 241 -12.09 7.51 -3.19
C TYR A 241 -13.17 8.57 -2.95
N TYR A 242 -13.91 8.89 -4.01
CA TYR A 242 -14.95 9.90 -3.94
C TYR A 242 -16.32 9.38 -3.51
N HIS A 243 -16.33 8.32 -2.72
CA HIS A 243 -17.59 7.76 -2.24
C HIS A 243 -18.29 8.81 -1.37
N GLU A 244 -19.62 8.76 -1.34
CA GLU A 244 -20.46 9.67 -0.56
C GLU A 244 -19.94 9.86 0.87
N ASP A 245 -19.57 8.77 1.52
CA ASP A 245 -19.08 8.81 2.89
C ASP A 245 -17.69 9.40 3.07
N HIS A 246 -17.01 9.72 1.97
CA HIS A 246 -15.68 10.31 2.08
C HIS A 246 -15.68 11.84 1.93
N LYS A 247 -16.79 12.43 1.48
CA LYS A 247 -16.75 13.87 1.31
C LYS A 247 -16.59 14.63 2.60
N PRO A 248 -16.10 15.87 2.52
CA PRO A 248 -15.90 16.68 3.72
C PRO A 248 -17.21 17.00 4.44
N VAL A 249 -17.10 17.09 5.77
CA VAL A 249 -18.25 17.39 6.63
C VAL A 249 -19.09 18.52 6.04
N HIS A 250 -18.47 19.33 5.18
CA HIS A 250 -19.15 20.44 4.52
C HIS A 250 -18.19 21.12 3.55
N PHE A 251 -18.69 21.60 2.42
CA PHE A 251 -17.81 22.23 1.43
C PHE A 251 -17.54 23.71 1.66
#